data_1FQB
#
_entry.id   1FQB
#
_cell.length_a   43.800
_cell.length_b   65.300
_cell.length_c   57.300
_cell.angle_alpha   90.00
_cell.angle_beta   101.00
_cell.angle_gamma   90.00
#
_symmetry.space_group_name_H-M   'P 1 21 1'
#
loop_
_entity.id
_entity.type
_entity.pdbx_description
1 polymer 'MALTODEXTRIN-BINDING PROTEIN'
2 branched alpha-D-glucopyranose-(1-4)-alpha-D-glucopyranose-(1-4)-sorbitol
3 water water
#
_entity_poly.entity_id   1
_entity_poly.type   'polypeptide(L)'
_entity_poly.pdbx_seq_one_letter_code
;AIEEGKLVIWINGDKGYNGLAEVGKKFEKDTGIKVTVEHPDKLEEKFPQVAATGDGPDIIFWAHDRFGGYAQSGLLAEIT
PDKAFQDKLYPFTWDAVRYNGKLIAYPIAVEALSLIYNKDLLPNPPKTWEEIPALDKELKAKGKSALMFNLQEPYFTWPL
IAADGGYAFKYENGKYDIKDVGVDNAGAKAGLTFLVDLIKNKHMNADTDYSIAEAAFNKGETAMTINGPWAWSNIDTSKV
NYGVTVLPTFKGQPSKPFVGVLSAGINAASPNKELAKEFLENYLLTDEGLEAVNKDKPLGAVALKSYEEELAKDPRIAAT
MENAQKGEIMPNIPQMSAFWYAVRTAVINAASGRQTVDEALKDAQTRITK
;
_entity_poly.pdbx_strand_id   A
#
# COMPACT_ATOMS: atom_id res chain seq x y z
N ALA A 1 7.60 17.60 27.62
CA ALA A 1 7.80 18.47 26.43
C ALA A 1 8.97 17.98 25.57
N ILE A 2 9.12 16.68 25.44
CA ILE A 2 10.17 16.06 24.64
C ILE A 2 11.58 16.58 24.95
N GLU A 3 12.45 15.66 25.35
CA GLU A 3 13.84 15.96 25.71
C GLU A 3 14.69 16.38 24.51
N GLU A 4 15.52 17.40 24.71
CA GLU A 4 16.38 17.90 23.64
C GLU A 4 17.73 17.18 23.63
N GLY A 5 18.30 17.00 22.45
CA GLY A 5 19.61 16.37 22.37
C GLY A 5 19.70 14.89 22.05
N LYS A 6 18.57 14.28 21.72
CA LYS A 6 18.55 12.87 21.35
C LYS A 6 17.37 12.64 20.43
N LEU A 7 17.22 11.40 19.97
CA LEU A 7 16.11 11.06 19.10
C LEU A 7 15.36 9.85 19.61
N VAL A 8 14.05 9.97 19.73
CA VAL A 8 13.21 8.87 20.17
C VAL A 8 12.37 8.55 18.95
N ILE A 9 12.41 7.30 18.52
CA ILE A 9 11.67 6.91 17.33
C ILE A 9 10.67 5.82 17.64
N TRP A 10 9.48 5.95 17.06
CA TRP A 10 8.41 4.98 17.25
C TRP A 10 8.12 4.30 15.91
N ILE A 11 8.13 2.97 15.92
CA ILE A 11 7.84 2.21 14.72
C ILE A 11 7.06 0.97 15.17
N ASN A 12 6.17 0.47 14.33
CA ASN A 12 5.35 -0.67 14.69
C ASN A 12 6.14 -1.96 14.90
N GLY A 13 5.62 -2.81 15.78
CA GLY A 13 6.27 -4.07 16.10
C GLY A 13 6.43 -5.06 14.97
N ASP A 14 5.75 -4.83 13.84
CA ASP A 14 5.86 -5.75 12.73
C ASP A 14 6.87 -5.26 11.69
N LYS A 15 7.64 -4.21 12.04
CA LYS A 15 8.66 -3.66 11.15
C LYS A 15 10.06 -4.00 11.68
N GLY A 16 11.08 -3.67 10.90
CA GLY A 16 12.44 -3.95 11.31
C GLY A 16 13.04 -2.97 12.30
N TYR A 17 12.52 -2.95 13.53
CA TYR A 17 13.05 -2.02 14.52
C TYR A 17 14.47 -2.37 14.96
N ASN A 18 14.81 -3.65 14.99
CA ASN A 18 16.17 -4.04 15.36
C ASN A 18 17.12 -3.52 14.29
N GLY A 19 16.75 -3.70 13.03
CA GLY A 19 17.58 -3.23 11.95
C GLY A 19 17.72 -1.72 11.97
N LEU A 20 16.64 -1.04 12.35
CA LEU A 20 16.65 0.41 12.43
C LEU A 20 17.60 0.88 13.54
N ALA A 21 17.63 0.15 14.65
CA ALA A 21 18.50 0.50 15.76
C ALA A 21 19.96 0.46 15.29
N GLU A 22 20.23 -0.36 14.28
CA GLU A 22 21.57 -0.46 13.72
C GLU A 22 21.93 0.87 13.07
N VAL A 23 20.93 1.52 12.47
CA VAL A 23 21.15 2.81 11.83
C VAL A 23 21.33 3.88 12.92
N GLY A 24 20.57 3.74 13.99
CA GLY A 24 20.68 4.69 15.09
C GLY A 24 22.08 4.62 15.68
N LYS A 25 22.63 3.41 15.72
CA LYS A 25 23.97 3.18 16.23
C LYS A 25 25.01 3.99 15.46
N LYS A 26 24.94 3.92 14.13
CA LYS A 26 25.88 4.65 13.29
C LYS A 26 25.72 6.16 13.47
N PHE A 27 24.47 6.60 13.65
CA PHE A 27 24.18 8.01 13.84
C PHE A 27 24.89 8.50 15.11
N GLU A 28 24.73 7.76 16.21
CA GLU A 28 25.38 8.15 17.45
C GLU A 28 26.89 8.02 17.30
N LYS A 29 27.33 7.02 16.55
CA LYS A 29 28.75 6.82 16.34
C LYS A 29 29.39 8.04 15.66
N ASP A 30 28.65 8.68 14.75
CA ASP A 30 29.16 9.84 14.05
C ASP A 30 28.88 11.19 14.69
N THR A 31 27.72 11.32 15.34
CA THR A 31 27.35 12.60 15.95
C THR A 31 27.41 12.65 17.46
N GLY A 32 27.44 11.49 18.11
CA GLY A 32 27.47 11.47 19.55
C GLY A 32 26.07 11.63 20.10
N ILE A 33 25.08 11.64 19.21
CA ILE A 33 23.67 11.78 19.59
C ILE A 33 23.02 10.41 19.67
N LYS A 34 22.43 10.11 20.82
CA LYS A 34 21.78 8.82 21.05
C LYS A 34 20.41 8.70 20.38
N VAL A 35 20.16 7.57 19.75
CA VAL A 35 18.89 7.29 19.10
C VAL A 35 18.22 6.10 19.80
N THR A 36 16.98 6.29 20.24
CA THR A 36 16.23 5.24 20.92
C THR A 36 15.01 4.82 20.10
N VAL A 37 14.97 3.54 19.74
CA VAL A 37 13.86 3.00 18.95
C VAL A 37 12.88 2.22 19.83
N GLU A 38 11.61 2.60 19.76
CA GLU A 38 10.58 1.93 20.55
C GLU A 38 9.41 1.50 19.66
N HIS A 39 8.71 0.44 20.05
CA HIS A 39 7.56 -0.05 19.30
C HIS A 39 6.41 -0.37 20.27
N PRO A 40 5.82 0.68 20.87
CA PRO A 40 4.72 0.48 21.81
C PRO A 40 3.46 -0.09 21.17
N ASP A 41 2.63 -0.74 21.97
CA ASP A 41 1.39 -1.31 21.46
C ASP A 41 0.47 -0.16 21.06
N LYS A 42 -0.35 -0.39 20.05
CA LYS A 42 -1.30 0.60 19.56
C LYS A 42 -0.68 1.98 19.41
N LEU A 43 0.55 2.03 18.90
CA LEU A 43 1.27 3.29 18.75
C LEU A 43 0.57 4.31 17.84
N GLU A 44 -0.20 3.84 16.86
CA GLU A 44 -0.88 4.75 15.95
C GLU A 44 -2.00 5.51 16.68
N GLU A 45 -2.47 4.93 17.79
CA GLU A 45 -3.52 5.56 18.57
C GLU A 45 -2.89 6.40 19.68
N LYS A 46 -1.75 5.93 20.18
CA LYS A 46 -1.03 6.64 21.24
C LYS A 46 -0.42 7.94 20.75
N PHE A 47 0.20 7.92 19.58
CA PHE A 47 0.85 9.12 19.04
C PHE A 47 -0.01 10.38 19.04
N PRO A 48 -1.20 10.33 18.40
CA PRO A 48 -2.00 11.56 18.41
C PRO A 48 -2.35 12.06 19.81
N GLN A 49 -2.37 11.14 20.78
CA GLN A 49 -2.68 11.50 22.16
C GLN A 49 -1.52 12.23 22.83
N VAL A 50 -0.35 11.61 22.82
CA VAL A 50 0.82 12.22 23.45
C VAL A 50 1.34 13.43 22.68
N ALA A 51 1.26 13.37 21.35
CA ALA A 51 1.74 14.49 20.55
C ALA A 51 0.86 15.72 20.81
N ALA A 52 -0.39 15.49 21.18
CA ALA A 52 -1.31 16.60 21.43
C ALA A 52 -0.92 17.41 22.67
N THR A 53 -0.17 16.80 23.57
CA THR A 53 0.24 17.50 24.79
C THR A 53 1.69 17.99 24.66
N GLY A 54 2.23 17.93 23.46
CA GLY A 54 3.60 18.37 23.23
C GLY A 54 4.62 17.31 23.60
N ASP A 55 4.17 16.06 23.71
CA ASP A 55 5.06 14.96 24.05
C ASP A 55 5.09 13.88 22.97
N GLY A 56 5.71 12.75 23.29
CA GLY A 56 5.79 11.67 22.32
C GLY A 56 7.16 11.55 21.67
N PRO A 57 7.28 10.73 20.63
CA PRO A 57 8.56 10.54 19.94
C PRO A 57 8.93 11.70 19.03
N ASP A 58 10.21 11.79 18.67
CA ASP A 58 10.69 12.82 17.76
C ASP A 58 10.27 12.41 16.35
N ILE A 59 10.29 11.11 16.09
CA ILE A 59 9.96 10.56 14.79
C ILE A 59 8.95 9.41 14.89
N ILE A 60 7.97 9.41 13.99
CA ILE A 60 6.96 8.36 14.00
C ILE A 60 6.84 7.75 12.59
N PHE A 61 6.87 6.42 12.53
CA PHE A 61 6.76 5.68 11.28
C PHE A 61 5.37 5.03 11.18
N TRP A 62 4.72 5.19 10.03
CA TRP A 62 3.40 4.59 9.82
C TRP A 62 2.98 4.77 8.37
N ALA A 63 1.96 4.02 7.94
CA ALA A 63 1.46 4.14 6.58
C ALA A 63 1.07 5.61 6.38
N HIS A 64 1.41 6.16 5.22
CA HIS A 64 1.14 7.56 4.90
C HIS A 64 -0.29 8.07 5.06
N ASP A 65 -1.29 7.23 4.77
CA ASP A 65 -2.66 7.71 4.88
C ASP A 65 -3.06 8.14 6.29
N ARG A 66 -2.50 7.50 7.31
CA ARG A 66 -2.84 7.87 8.68
C ARG A 66 -2.24 9.23 9.05
N PHE A 67 -1.23 9.66 8.29
CA PHE A 67 -0.57 10.93 8.56
C PHE A 67 -1.44 12.14 8.19
N GLY A 68 -2.45 11.91 7.36
CA GLY A 68 -3.33 13.00 6.97
C GLY A 68 -4.07 13.51 8.19
N GLY A 69 -4.55 12.60 9.02
CA GLY A 69 -5.26 12.99 10.21
C GLY A 69 -4.32 13.66 11.20
N TYR A 70 -3.09 13.15 11.28
CA TYR A 70 -2.10 13.74 12.17
C TYR A 70 -1.78 15.16 11.73
N ALA A 71 -1.58 15.36 10.44
CA ALA A 71 -1.25 16.68 9.90
C ALA A 71 -2.39 17.66 10.07
N GLN A 72 -3.61 17.14 10.02
CA GLN A 72 -4.82 17.94 10.19
C GLN A 72 -4.81 18.57 11.58
N SER A 73 -4.26 17.84 12.56
CA SER A 73 -4.19 18.32 13.94
C SER A 73 -2.87 19.06 14.22
N GLY A 74 -2.06 19.25 13.18
CA GLY A 74 -0.80 19.94 13.34
C GLY A 74 0.22 19.18 14.18
N LEU A 75 0.16 17.86 14.13
CA LEU A 75 1.07 17.03 14.90
C LEU A 75 2.44 16.84 14.23
N LEU A 76 2.50 17.04 12.92
CA LEU A 76 3.74 16.85 12.19
C LEU A 76 4.36 18.15 11.68
N ALA A 77 5.67 18.24 11.79
CA ALA A 77 6.38 19.42 11.32
C ALA A 77 6.52 19.33 9.81
N GLU A 78 6.50 20.48 9.14
CA GLU A 78 6.69 20.49 7.70
C GLU A 78 8.17 20.21 7.48
N ILE A 79 8.50 19.23 6.65
CA ILE A 79 9.90 18.90 6.40
C ILE A 79 10.52 19.82 5.37
N THR A 80 11.86 19.87 5.34
CA THR A 80 12.54 20.76 4.42
C THR A 80 13.64 20.14 3.57
N PRO A 81 13.36 19.03 2.88
CA PRO A 81 14.40 18.42 2.06
C PRO A 81 14.69 19.31 0.85
N ASP A 82 15.95 19.47 0.47
CA ASP A 82 16.25 20.30 -0.69
C ASP A 82 15.89 19.55 -1.96
N LYS A 83 15.92 20.23 -3.09
CA LYS A 83 15.58 19.61 -4.36
C LYS A 83 16.44 18.40 -4.67
N ALA A 84 17.72 18.47 -4.32
CA ALA A 84 18.64 17.37 -4.56
C ALA A 84 18.13 16.09 -3.89
N PHE A 85 17.65 16.22 -2.67
CA PHE A 85 17.16 15.04 -1.97
C PHE A 85 15.83 14.56 -2.56
N GLN A 86 14.98 15.50 -2.95
CA GLN A 86 13.69 15.13 -3.53
C GLN A 86 13.89 14.28 -4.78
N ASP A 87 14.91 14.60 -5.58
CA ASP A 87 15.19 13.85 -6.79
C ASP A 87 15.60 12.41 -6.48
N LYS A 88 16.00 12.17 -5.24
CA LYS A 88 16.42 10.85 -4.81
C LYS A 88 15.29 9.83 -4.66
N LEU A 89 14.06 10.31 -4.53
CA LEU A 89 12.91 9.43 -4.37
C LEU A 89 11.94 9.51 -5.55
N TYR A 90 11.18 8.43 -5.76
CA TYR A 90 10.20 8.42 -6.83
C TYR A 90 9.21 9.55 -6.54
N PRO A 91 8.88 10.37 -7.55
CA PRO A 91 7.95 11.47 -7.34
C PRO A 91 6.59 11.13 -6.74
N PHE A 92 6.01 9.99 -7.12
CA PHE A 92 4.71 9.65 -6.58
C PHE A 92 4.71 9.44 -5.07
N THR A 93 5.88 9.11 -4.50
CA THR A 93 5.96 8.90 -3.06
C THR A 93 5.87 10.22 -2.30
N TRP A 94 6.29 11.32 -2.93
CA TRP A 94 6.22 12.63 -2.30
C TRP A 94 4.77 13.08 -2.21
N ASP A 95 3.93 12.59 -3.12
CA ASP A 95 2.50 12.96 -3.11
C ASP A 95 1.81 12.33 -1.92
N ALA A 96 2.35 11.20 -1.46
CA ALA A 96 1.77 10.47 -0.34
C ALA A 96 2.00 11.17 1.00
N VAL A 97 2.98 12.07 1.04
CA VAL A 97 3.31 12.78 2.28
C VAL A 97 3.05 14.27 2.23
N ARG A 98 2.17 14.70 1.33
CA ARG A 98 1.84 16.11 1.22
C ARG A 98 0.43 16.35 1.75
N TYR A 99 0.30 17.34 2.61
CA TYR A 99 -1.00 17.67 3.19
C TYR A 99 -1.14 19.18 3.20
N ASN A 100 -2.23 19.68 2.63
CA ASN A 100 -2.46 21.12 2.55
C ASN A 100 -1.30 21.83 1.87
N GLY A 101 -0.77 21.20 0.83
CA GLY A 101 0.33 21.78 0.08
C GLY A 101 1.70 21.72 0.72
N LYS A 102 1.80 21.07 1.88
CA LYS A 102 3.08 20.97 2.57
C LYS A 102 3.56 19.54 2.77
N LEU A 103 4.87 19.34 2.65
CA LEU A 103 5.47 18.02 2.85
C LEU A 103 5.54 17.79 4.35
N ILE A 104 4.91 16.73 4.84
CA ILE A 104 4.91 16.46 6.28
C ILE A 104 5.52 15.14 6.73
N ALA A 105 6.28 14.50 5.86
CA ALA A 105 6.92 13.23 6.22
C ALA A 105 7.83 12.74 5.10
N TYR A 106 8.77 11.86 5.46
CA TYR A 106 9.69 11.28 4.48
C TYR A 106 9.23 9.89 4.08
N PRO A 107 9.03 9.66 2.76
CA PRO A 107 8.59 8.34 2.28
C PRO A 107 9.71 7.34 2.52
N ILE A 108 9.35 6.13 2.94
CA ILE A 108 10.36 5.12 3.19
C ILE A 108 10.20 3.88 2.29
N ALA A 109 9.03 3.25 2.38
CA ALA A 109 8.77 2.07 1.58
C ALA A 109 7.53 2.21 0.71
N VAL A 110 7.36 1.28 -0.21
CA VAL A 110 6.23 1.28 -1.14
C VAL A 110 5.61 -0.12 -1.21
N GLU A 111 4.29 -0.18 -1.08
CA GLU A 111 3.60 -1.46 -1.16
C GLU A 111 2.33 -1.36 -1.99
N ALA A 112 2.09 -2.38 -2.79
CA ALA A 112 0.92 -2.45 -3.65
C ALA A 112 0.69 -3.91 -3.99
N LEU A 113 -0.52 -4.23 -4.42
CA LEU A 113 -0.86 -5.60 -4.80
C LEU A 113 -0.23 -5.98 -6.14
N SER A 114 0.03 -7.27 -6.30
CA SER A 114 0.61 -7.81 -7.52
C SER A 114 -0.09 -9.13 -7.82
N LEU A 115 0.13 -9.66 -9.02
CA LEU A 115 -0.47 -10.93 -9.40
C LEU A 115 0.51 -12.01 -8.96
N ILE A 116 0.06 -12.93 -8.11
CA ILE A 116 0.91 -14.01 -7.64
C ILE A 116 0.46 -15.27 -8.35
N TYR A 117 1.39 -15.94 -9.03
CA TYR A 117 1.02 -17.14 -9.78
C TYR A 117 1.87 -18.36 -9.47
N ASN A 118 1.34 -19.54 -9.78
CA ASN A 118 2.01 -20.81 -9.56
C ASN A 118 2.70 -21.18 -10.88
N LYS A 119 4.02 -21.14 -10.88
CA LYS A 119 4.80 -21.46 -12.08
C LYS A 119 4.59 -22.88 -12.61
N ASP A 120 4.29 -23.82 -11.72
CA ASP A 120 4.08 -25.19 -12.16
C ASP A 120 2.72 -25.38 -12.82
N LEU A 121 1.73 -24.61 -12.37
CA LEU A 121 0.39 -24.69 -12.94
C LEU A 121 0.20 -23.70 -14.08
N LEU A 122 0.88 -22.56 -13.97
CA LEU A 122 0.75 -21.51 -14.98
C LEU A 122 2.07 -20.76 -15.16
N PRO A 123 3.04 -21.37 -15.87
CA PRO A 123 4.33 -20.71 -16.09
C PRO A 123 4.24 -19.41 -16.89
N ASN A 124 3.17 -19.26 -17.65
CA ASN A 124 2.96 -18.06 -18.45
C ASN A 124 1.62 -17.43 -18.07
N PRO A 125 1.60 -16.69 -16.95
CA PRO A 125 0.38 -16.04 -16.45
C PRO A 125 -0.25 -15.08 -17.47
N PRO A 126 -1.58 -14.90 -17.40
CA PRO A 126 -2.29 -14.01 -18.33
C PRO A 126 -1.94 -12.54 -18.16
N LYS A 127 -1.82 -11.85 -19.29
CA LYS A 127 -1.52 -10.42 -19.26
C LYS A 127 -2.81 -9.63 -19.14
N THR A 128 -3.94 -10.28 -19.43
CA THR A 128 -5.24 -9.62 -19.35
C THR A 128 -6.27 -10.37 -18.51
N TRP A 129 -7.22 -9.62 -17.95
CA TRP A 129 -8.29 -10.21 -17.14
C TRP A 129 -9.22 -11.01 -18.06
N GLU A 130 -9.40 -10.51 -19.27
CA GLU A 130 -10.27 -11.14 -20.26
C GLU A 130 -9.89 -12.58 -20.56
N GLU A 131 -8.60 -12.91 -20.42
CA GLU A 131 -8.11 -14.26 -20.68
C GLU A 131 -8.42 -15.26 -19.59
N ILE A 132 -8.75 -14.76 -18.40
CA ILE A 132 -8.98 -15.64 -17.26
C ILE A 132 -10.10 -16.66 -17.37
N PRO A 133 -11.28 -16.27 -17.90
CA PRO A 133 -12.35 -17.28 -18.00
C PRO A 133 -11.94 -18.56 -18.74
N ALA A 134 -11.32 -18.41 -19.90
CA ALA A 134 -10.89 -19.57 -20.69
C ALA A 134 -9.84 -20.40 -19.97
N LEU A 135 -8.95 -19.73 -19.25
CA LEU A 135 -7.89 -20.41 -18.51
C LEU A 135 -8.50 -21.22 -17.39
N ASP A 136 -9.52 -20.65 -16.74
CA ASP A 136 -10.19 -21.33 -15.65
C ASP A 136 -10.84 -22.61 -16.17
N LYS A 137 -11.43 -22.54 -17.36
CA LYS A 137 -12.08 -23.71 -17.95
C LYS A 137 -11.06 -24.83 -18.15
N GLU A 138 -9.87 -24.47 -18.64
CA GLU A 138 -8.81 -25.45 -18.88
C GLU A 138 -8.27 -26.03 -17.59
N LEU A 139 -8.05 -25.16 -16.61
CA LEU A 139 -7.52 -25.59 -15.31
C LEU A 139 -8.54 -26.42 -14.55
N LYS A 140 -9.82 -26.06 -14.64
CA LYS A 140 -10.88 -26.79 -13.94
C LYS A 140 -10.95 -28.24 -14.42
N ALA A 141 -10.49 -28.50 -15.64
CA ALA A 141 -10.50 -29.85 -16.19
C ALA A 141 -9.47 -30.71 -15.46
N LYS A 142 -8.58 -30.06 -14.71
CA LYS A 142 -7.53 -30.71 -13.93
C LYS A 142 -7.91 -30.69 -12.45
N GLY A 143 -9.02 -30.03 -12.14
CA GLY A 143 -9.45 -29.94 -10.76
C GLY A 143 -8.85 -28.72 -10.07
N LYS A 144 -8.32 -27.79 -10.86
CA LYS A 144 -7.72 -26.57 -10.32
C LYS A 144 -8.49 -25.35 -10.84
N SER A 145 -8.38 -24.24 -10.12
CA SER A 145 -9.04 -23.01 -10.55
C SER A 145 -7.96 -22.05 -11.03
N ALA A 146 -8.35 -21.06 -11.82
CA ALA A 146 -7.38 -20.10 -12.33
C ALA A 146 -7.01 -19.01 -11.33
N LEU A 147 -8.02 -18.47 -10.64
CA LEU A 147 -7.76 -17.38 -9.72
C LEU A 147 -8.62 -17.34 -8.46
N MET A 148 -7.98 -17.03 -7.34
CA MET A 148 -8.65 -16.90 -6.05
C MET A 148 -8.00 -15.78 -5.25
N PHE A 149 -8.78 -14.77 -4.89
CA PHE A 149 -8.28 -13.66 -4.08
C PHE A 149 -9.40 -13.09 -3.22
N ASN A 150 -9.02 -12.33 -2.21
CA ASN A 150 -9.98 -11.74 -1.27
C ASN A 150 -11.00 -10.84 -1.95
N LEU A 151 -12.26 -11.24 -1.92
CA LEU A 151 -13.32 -10.46 -2.55
C LEU A 151 -14.15 -9.68 -1.51
N GLN A 152 -13.74 -9.74 -0.25
CA GLN A 152 -14.45 -9.07 0.83
C GLN A 152 -13.99 -7.65 1.12
N GLU A 153 -12.77 -7.32 0.69
CA GLU A 153 -12.22 -5.98 0.93
C GLU A 153 -12.02 -5.23 -0.39
N PRO A 154 -12.61 -4.03 -0.51
CA PRO A 154 -12.51 -3.21 -1.72
C PRO A 154 -11.06 -2.94 -2.14
N TYR A 155 -10.14 -2.98 -1.19
CA TYR A 155 -8.73 -2.75 -1.48
C TYR A 155 -8.24 -3.76 -2.52
N PHE A 156 -8.75 -5.00 -2.42
CA PHE A 156 -8.36 -6.08 -3.33
C PHE A 156 -9.07 -6.11 -4.68
N THR A 157 -10.32 -5.66 -4.71
CA THR A 157 -11.09 -5.66 -5.95
C THR A 157 -10.95 -4.36 -6.75
N TRP A 158 -10.63 -3.28 -6.05
CA TRP A 158 -10.51 -1.98 -6.71
C TRP A 158 -9.55 -1.91 -7.90
N PRO A 159 -8.40 -2.61 -7.84
CA PRO A 159 -7.47 -2.54 -8.97
C PRO A 159 -8.15 -2.78 -10.33
N LEU A 160 -9.07 -3.74 -10.35
CA LEU A 160 -9.83 -4.10 -11.55
C LEU A 160 -10.86 -3.02 -11.87
N ILE A 161 -11.56 -2.56 -10.84
CA ILE A 161 -12.60 -1.52 -11.02
C ILE A 161 -12.02 -0.19 -11.51
N ALA A 162 -10.79 0.12 -11.11
CA ALA A 162 -10.16 1.38 -11.52
C ALA A 162 -9.48 1.30 -12.87
N ALA A 163 -9.17 0.08 -13.30
CA ALA A 163 -8.49 -0.15 -14.57
C ALA A 163 -9.00 0.68 -15.74
N ASP A 164 -10.30 0.60 -16.00
CA ASP A 164 -10.87 1.33 -17.13
C ASP A 164 -11.46 2.70 -16.78
N GLY A 165 -11.16 3.21 -15.59
CA GLY A 165 -11.68 4.53 -15.25
C GLY A 165 -12.13 4.84 -13.84
N GLY A 166 -12.36 3.84 -13.02
CA GLY A 166 -12.80 4.11 -11.67
C GLY A 166 -11.72 4.79 -10.85
N TYR A 167 -12.13 5.64 -9.90
CA TYR A 167 -11.18 6.33 -9.01
C TYR A 167 -11.90 6.85 -7.78
N ALA A 168 -11.15 7.05 -6.70
CA ALA A 168 -11.73 7.53 -5.45
C ALA A 168 -11.90 9.05 -5.48
N PHE A 169 -10.78 9.77 -5.52
CA PHE A 169 -10.83 11.23 -5.55
C PHE A 169 -9.85 11.80 -6.58
N LYS A 170 -10.32 12.78 -7.34
CA LYS A 170 -9.50 13.43 -8.36
C LYS A 170 -8.37 14.20 -7.68
N TYR A 171 -7.13 13.85 -8.01
CA TYR A 171 -5.98 14.54 -7.45
C TYR A 171 -5.47 15.50 -8.52
N GLU A 172 -6.01 16.71 -8.51
CA GLU A 172 -5.65 17.71 -9.50
C GLU A 172 -4.27 18.32 -9.30
N ASN A 173 -4.20 19.42 -8.54
CA ASN A 173 -2.92 20.06 -8.31
C ASN A 173 -2.52 20.06 -6.84
N GLY A 174 -1.94 18.95 -6.39
CA GLY A 174 -1.50 18.83 -5.01
C GLY A 174 -2.58 18.50 -4.01
N LYS A 175 -3.85 18.48 -4.45
CA LYS A 175 -4.94 18.17 -3.54
C LYS A 175 -6.05 17.32 -4.16
N TYR A 176 -6.86 16.73 -3.30
CA TYR A 176 -7.97 15.87 -3.71
C TYR A 176 -9.27 16.65 -3.71
N ASP A 177 -10.02 16.56 -4.80
CA ASP A 177 -11.30 17.24 -4.90
C ASP A 177 -12.35 16.27 -4.36
N ILE A 178 -12.86 16.56 -3.16
CA ILE A 178 -13.85 15.70 -2.53
C ILE A 178 -15.20 15.72 -3.26
N LYS A 179 -15.33 16.62 -4.23
CA LYS A 179 -16.57 16.73 -4.99
C LYS A 179 -16.52 15.89 -6.28
N ASP A 180 -15.31 15.46 -6.66
CA ASP A 180 -15.12 14.66 -7.86
C ASP A 180 -14.77 13.22 -7.49
N VAL A 181 -15.79 12.37 -7.36
CA VAL A 181 -15.60 10.97 -7.00
C VAL A 181 -15.93 10.09 -8.19
N GLY A 182 -15.06 9.11 -8.47
CA GLY A 182 -15.27 8.23 -9.61
C GLY A 182 -15.65 6.79 -9.34
N VAL A 183 -16.74 6.57 -8.61
CA VAL A 183 -17.17 5.21 -8.34
C VAL A 183 -18.37 4.86 -9.21
N ASP A 184 -19.22 5.85 -9.48
CA ASP A 184 -20.39 5.63 -10.34
C ASP A 184 -20.16 6.19 -11.74
N ASN A 185 -19.15 5.67 -12.43
CA ASN A 185 -18.87 6.11 -13.78
C ASN A 185 -18.73 4.88 -14.70
N ALA A 186 -18.53 5.13 -15.98
CA ALA A 186 -18.43 4.07 -16.97
C ALA A 186 -17.32 3.06 -16.70
N GLY A 187 -16.14 3.56 -16.33
CA GLY A 187 -15.02 2.69 -16.06
C GLY A 187 -15.24 1.74 -14.89
N ALA A 188 -15.71 2.28 -13.78
CA ALA A 188 -15.95 1.47 -12.59
C ALA A 188 -17.03 0.45 -12.90
N LYS A 189 -18.01 0.89 -13.68
CA LYS A 189 -19.12 0.04 -14.07
C LYS A 189 -18.63 -1.18 -14.83
N ALA A 190 -17.78 -0.96 -15.82
CA ALA A 190 -17.23 -2.05 -16.62
C ALA A 190 -16.39 -3.01 -15.78
N GLY A 191 -15.57 -2.44 -14.89
CA GLY A 191 -14.72 -3.25 -14.03
C GLY A 191 -15.51 -4.13 -13.09
N LEU A 192 -16.48 -3.53 -12.41
CA LEU A 192 -17.31 -4.28 -11.48
C LEU A 192 -18.12 -5.34 -12.21
N THR A 193 -18.63 -4.99 -13.38
CA THR A 193 -19.42 -5.94 -14.16
C THR A 193 -18.57 -7.15 -14.52
N PHE A 194 -17.32 -6.91 -14.89
CA PHE A 194 -16.44 -8.02 -15.25
C PHE A 194 -16.23 -8.91 -14.03
N LEU A 195 -16.07 -8.29 -12.86
CA LEU A 195 -15.87 -9.04 -11.62
C LEU A 195 -17.10 -9.89 -11.34
N VAL A 196 -18.26 -9.25 -11.41
CA VAL A 196 -19.52 -9.94 -11.15
C VAL A 196 -19.75 -11.05 -12.16
N ASP A 197 -19.36 -10.84 -13.41
CA ASP A 197 -19.53 -11.86 -14.42
C ASP A 197 -18.68 -13.09 -14.12
N LEU A 198 -17.48 -12.87 -13.58
CA LEU A 198 -16.61 -14.00 -13.25
C LEU A 198 -17.30 -14.90 -12.23
N ILE A 199 -18.01 -14.27 -11.30
CA ILE A 199 -18.74 -14.98 -10.26
C ILE A 199 -19.96 -15.69 -10.84
N LYS A 200 -20.77 -14.98 -11.62
CA LYS A 200 -21.96 -15.58 -12.23
C LYS A 200 -21.57 -16.75 -13.12
N ASN A 201 -20.44 -16.63 -13.81
CA ASN A 201 -19.96 -17.66 -14.69
C ASN A 201 -19.18 -18.77 -13.99
N LYS A 202 -19.19 -18.76 -12.66
CA LYS A 202 -18.52 -19.78 -11.84
C LYS A 202 -17.00 -19.85 -11.91
N HIS A 203 -16.36 -18.72 -12.18
CA HIS A 203 -14.91 -18.69 -12.25
C HIS A 203 -14.34 -18.24 -10.91
N MET A 204 -15.20 -17.62 -10.11
CA MET A 204 -14.84 -17.16 -8.78
C MET A 204 -16.07 -17.30 -7.90
N ASN A 205 -15.86 -17.33 -6.59
CA ASN A 205 -16.94 -17.47 -5.63
C ASN A 205 -17.05 -16.19 -4.80
N ALA A 206 -18.25 -15.63 -4.73
CA ALA A 206 -18.47 -14.39 -3.98
C ALA A 206 -18.05 -14.46 -2.51
N ASP A 207 -17.94 -15.66 -1.96
CA ASP A 207 -17.57 -15.82 -0.56
C ASP A 207 -16.07 -15.91 -0.29
N THR A 208 -15.29 -16.11 -1.34
CA THR A 208 -13.84 -16.22 -1.20
C THR A 208 -13.23 -15.03 -0.47
N ASP A 209 -12.50 -15.30 0.61
CA ASP A 209 -11.87 -14.24 1.37
C ASP A 209 -10.35 -14.39 1.42
N TYR A 210 -9.71 -13.63 2.31
CA TYR A 210 -8.26 -13.67 2.43
C TYR A 210 -7.71 -15.04 2.80
N SER A 211 -8.18 -15.57 3.92
CA SER A 211 -7.70 -16.87 4.38
C SER A 211 -8.03 -17.99 3.39
N ILE A 212 -9.23 -17.95 2.82
CA ILE A 212 -9.62 -18.98 1.86
C ILE A 212 -8.69 -18.96 0.65
N ALA A 213 -8.47 -17.77 0.09
CA ALA A 213 -7.61 -17.62 -1.08
C ALA A 213 -6.16 -18.02 -0.77
N GLU A 214 -5.66 -17.59 0.37
CA GLU A 214 -4.28 -17.89 0.77
C GLU A 214 -4.01 -19.39 0.88
N ALA A 215 -4.92 -20.11 1.54
CA ALA A 215 -4.76 -21.54 1.69
C ALA A 215 -4.82 -22.23 0.32
N ALA A 216 -5.77 -21.81 -0.51
CA ALA A 216 -5.93 -22.39 -1.84
C ALA A 216 -4.65 -22.29 -2.66
N PHE A 217 -4.04 -21.11 -2.67
CA PHE A 217 -2.81 -20.93 -3.44
C PHE A 217 -1.66 -21.70 -2.81
N ASN A 218 -1.58 -21.66 -1.47
CA ASN A 218 -0.52 -22.34 -0.73
C ASN A 218 -0.56 -23.86 -0.86
N LYS A 219 -1.71 -24.40 -1.25
CA LYS A 219 -1.86 -25.83 -1.39
C LYS A 219 -1.90 -26.30 -2.85
N GLY A 220 -1.67 -25.36 -3.77
CA GLY A 220 -1.66 -25.68 -5.19
C GLY A 220 -3.01 -25.97 -5.82
N GLU A 221 -4.09 -25.48 -5.22
CA GLU A 221 -5.43 -25.71 -5.74
C GLU A 221 -5.85 -24.66 -6.78
N THR A 222 -5.27 -23.47 -6.70
CA THR A 222 -5.58 -22.41 -7.66
C THR A 222 -4.26 -21.91 -8.24
N ALA A 223 -4.28 -21.56 -9.53
CA ALA A 223 -3.07 -21.12 -10.22
C ALA A 223 -2.61 -19.70 -9.91
N MET A 224 -3.53 -18.85 -9.46
CA MET A 224 -3.18 -17.46 -9.17
C MET A 224 -3.92 -16.87 -7.99
N THR A 225 -3.37 -15.78 -7.45
CA THR A 225 -3.97 -15.05 -6.35
C THR A 225 -3.44 -13.62 -6.45
N ILE A 226 -4.07 -12.71 -5.72
CA ILE A 226 -3.63 -11.32 -5.72
C ILE A 226 -3.39 -10.92 -4.27
N ASN A 227 -2.16 -10.53 -3.96
CA ASN A 227 -1.83 -10.14 -2.60
C ASN A 227 -0.60 -9.23 -2.58
N GLY A 228 -0.21 -8.82 -1.38
CA GLY A 228 0.93 -7.92 -1.24
C GLY A 228 2.22 -8.54 -0.74
N PRO A 229 3.29 -7.74 -0.64
CA PRO A 229 4.60 -8.21 -0.16
C PRO A 229 4.55 -8.84 1.23
N TRP A 230 3.57 -8.41 2.02
CA TRP A 230 3.38 -8.92 3.38
C TRP A 230 3.01 -10.39 3.42
N ALA A 231 2.46 -10.89 2.32
CA ALA A 231 2.02 -12.28 2.24
C ALA A 231 3.08 -13.26 1.72
N TRP A 232 4.17 -12.75 1.15
CA TRP A 232 5.20 -13.62 0.61
C TRP A 232 5.77 -14.60 1.63
N SER A 233 6.08 -14.11 2.82
CA SER A 233 6.67 -14.98 3.84
C SER A 233 5.77 -16.16 4.20
N ASN A 234 4.46 -16.01 3.96
CA ASN A 234 3.53 -17.09 4.29
C ASN A 234 3.36 -18.08 3.14
N ILE A 235 3.97 -17.75 1.99
CA ILE A 235 3.94 -18.62 0.82
C ILE A 235 5.26 -19.39 0.85
N ASP A 236 6.35 -18.66 1.09
CA ASP A 236 7.69 -19.24 1.13
C ASP A 236 7.75 -20.52 1.95
N THR A 237 7.07 -20.51 3.09
CA THR A 237 7.04 -21.67 3.98
C THR A 237 6.25 -22.81 3.33
N SER A 238 5.35 -22.46 2.43
CA SER A 238 4.52 -23.44 1.75
C SER A 238 5.34 -24.27 0.76
N LYS A 239 6.42 -23.67 0.25
CA LYS A 239 7.32 -24.36 -0.69
C LYS A 239 6.85 -24.36 -2.15
N VAL A 240 5.64 -23.87 -2.41
CA VAL A 240 5.11 -23.82 -3.77
C VAL A 240 5.97 -22.92 -4.65
N ASN A 241 6.17 -23.32 -5.91
CA ASN A 241 7.00 -22.54 -6.83
C ASN A 241 6.18 -21.38 -7.40
N TYR A 242 6.33 -20.20 -6.80
CA TYR A 242 5.56 -19.04 -7.26
C TYR A 242 6.37 -17.88 -7.81
N GLY A 243 5.68 -17.04 -8.57
CA GLY A 243 6.29 -15.85 -9.15
C GLY A 243 5.36 -14.69 -8.83
N VAL A 244 5.83 -13.47 -9.04
CA VAL A 244 5.04 -12.27 -8.80
C VAL A 244 5.22 -11.37 -10.02
N THR A 245 4.10 -10.96 -10.63
CA THR A 245 4.18 -10.15 -11.84
C THR A 245 3.17 -9.01 -11.87
N VAL A 246 3.21 -8.23 -12.96
CA VAL A 246 2.29 -7.11 -13.13
C VAL A 246 0.85 -7.63 -13.14
N LEU A 247 -0.08 -6.84 -12.59
CA LEU A 247 -1.48 -7.24 -12.57
C LEU A 247 -2.01 -7.29 -13.99
N PRO A 248 -3.06 -8.08 -14.23
CA PRO A 248 -3.59 -8.15 -15.60
C PRO A 248 -4.25 -6.82 -15.99
N THR A 249 -4.30 -6.56 -17.30
CA THR A 249 -4.93 -5.35 -17.80
C THR A 249 -6.39 -5.68 -18.08
N PHE A 250 -7.21 -4.64 -18.12
CA PHE A 250 -8.62 -4.83 -18.42
C PHE A 250 -8.96 -3.80 -19.48
N LYS A 251 -9.51 -4.26 -20.60
CA LYS A 251 -9.84 -3.37 -21.70
C LYS A 251 -8.58 -2.64 -22.14
N GLY A 252 -7.47 -3.38 -22.14
CA GLY A 252 -6.19 -2.84 -22.55
C GLY A 252 -5.57 -1.85 -21.58
N GLN A 253 -6.22 -1.58 -20.45
CA GLN A 253 -5.69 -0.64 -19.48
C GLN A 253 -5.15 -1.33 -18.24
N PRO A 254 -3.99 -0.87 -17.74
CA PRO A 254 -3.38 -1.46 -16.54
C PRO A 254 -4.30 -1.41 -15.34
N SER A 255 -4.24 -2.43 -14.48
CA SER A 255 -5.04 -2.42 -13.27
C SER A 255 -4.37 -1.33 -12.43
N LYS A 256 -5.13 -0.67 -11.57
CA LYS A 256 -4.59 0.41 -10.76
C LYS A 256 -4.77 0.18 -9.26
N PRO A 257 -3.86 -0.57 -8.62
CA PRO A 257 -3.95 -0.84 -7.19
C PRO A 257 -3.60 0.38 -6.35
N PHE A 258 -4.18 0.46 -5.16
CA PHE A 258 -3.88 1.56 -4.26
C PHE A 258 -2.47 1.33 -3.74
N VAL A 259 -1.79 2.42 -3.40
CA VAL A 259 -0.42 2.32 -2.91
C VAL A 259 -0.28 2.84 -1.48
N GLY A 260 0.42 2.05 -0.65
CA GLY A 260 0.64 2.42 0.73
C GLY A 260 2.11 2.76 0.91
N VAL A 261 2.40 3.93 1.47
CA VAL A 261 3.77 4.35 1.66
C VAL A 261 4.17 4.53 3.11
N LEU A 262 4.98 3.60 3.62
CA LEU A 262 5.48 3.69 4.99
C LEU A 262 6.22 5.02 5.05
N SER A 263 5.85 5.89 5.98
CA SER A 263 6.49 7.20 6.08
C SER A 263 6.98 7.52 7.49
N ALA A 264 7.92 8.45 7.56
CA ALA A 264 8.48 8.87 8.85
C ALA A 264 8.21 10.35 9.05
N GLY A 265 7.36 10.66 10.03
CA GLY A 265 7.04 12.04 10.32
C GLY A 265 7.81 12.57 11.52
N ILE A 266 7.99 13.88 11.58
CA ILE A 266 8.70 14.51 12.67
C ILE A 266 7.71 15.26 13.56
N ASN A 267 7.75 14.95 14.85
CA ASN A 267 6.86 15.56 15.82
C ASN A 267 7.00 17.09 15.81
N ALA A 268 5.87 17.77 15.61
CA ALA A 268 5.87 19.24 15.58
C ALA A 268 6.41 19.84 16.87
N ALA A 269 6.23 19.12 17.98
CA ALA A 269 6.69 19.60 19.27
C ALA A 269 8.13 19.18 19.57
N SER A 270 8.78 18.55 18.61
CA SER A 270 10.16 18.11 18.82
C SER A 270 11.15 19.26 18.74
N PRO A 271 12.07 19.33 19.71
CA PRO A 271 13.07 20.40 19.71
C PRO A 271 14.30 19.87 18.97
N ASN A 272 14.14 18.71 18.34
CA ASN A 272 15.21 18.04 17.62
C ASN A 272 14.89 17.83 16.14
N LYS A 273 14.14 18.76 15.55
CA LYS A 273 13.76 18.63 14.14
C LYS A 273 14.94 18.53 13.19
N GLU A 274 16.01 19.27 13.45
CA GLU A 274 17.18 19.24 12.59
C GLU A 274 17.92 17.91 12.68
N LEU A 275 18.05 17.39 13.91
CA LEU A 275 18.71 16.10 14.12
C LEU A 275 17.89 15.02 13.40
N ALA A 276 16.58 15.14 13.48
CA ALA A 276 15.67 14.19 12.83
C ALA A 276 15.92 14.22 11.32
N LYS A 277 15.97 15.41 10.76
CA LYS A 277 16.22 15.57 9.33
C LYS A 277 17.53 14.91 8.91
N GLU A 278 18.59 15.19 9.67
CA GLU A 278 19.90 14.63 9.39
C GLU A 278 19.86 13.10 9.40
N PHE A 279 19.22 12.54 10.43
CA PHE A 279 19.10 11.08 10.55
C PHE A 279 18.32 10.46 9.40
N LEU A 280 17.11 10.96 9.16
CA LEU A 280 16.27 10.42 8.12
C LEU A 280 16.84 10.57 6.71
N GLU A 281 17.34 11.75 6.40
CA GLU A 281 17.89 12.01 5.07
C GLU A 281 19.25 11.39 4.76
N ASN A 282 20.19 11.56 5.68
CA ASN A 282 21.54 11.07 5.43
C ASN A 282 21.98 9.79 6.11
N TYR A 283 21.08 9.17 6.86
CA TYR A 283 21.41 7.90 7.51
C TYR A 283 20.43 6.82 7.10
N LEU A 284 19.14 7.07 7.27
CA LEU A 284 18.15 6.07 6.91
C LEU A 284 17.88 5.98 5.41
N LEU A 285 17.60 7.11 4.76
CA LEU A 285 17.33 7.09 3.33
C LEU A 285 18.58 7.07 2.46
N THR A 286 19.37 6.01 2.62
CA THR A 286 20.59 5.77 1.87
C THR A 286 20.62 4.26 1.65
N ASP A 287 21.43 3.79 0.71
CA ASP A 287 21.51 2.36 0.46
C ASP A 287 21.87 1.58 1.73
N GLU A 288 22.87 2.08 2.46
CA GLU A 288 23.30 1.44 3.70
C GLU A 288 22.22 1.44 4.77
N GLY A 289 21.47 2.54 4.86
CA GLY A 289 20.42 2.63 5.85
C GLY A 289 19.26 1.69 5.58
N LEU A 290 18.70 1.77 4.39
CA LEU A 290 17.57 0.91 4.03
C LEU A 290 17.98 -0.56 4.02
N GLU A 291 19.24 -0.84 3.70
CA GLU A 291 19.71 -2.21 3.68
C GLU A 291 19.66 -2.80 5.09
N ALA A 292 20.04 -1.98 6.07
CA ALA A 292 20.04 -2.40 7.46
C ALA A 292 18.64 -2.81 7.93
N VAL A 293 17.65 -1.98 7.61
CA VAL A 293 16.28 -2.28 8.00
C VAL A 293 15.72 -3.46 7.22
N ASN A 294 15.83 -3.37 5.89
CA ASN A 294 15.33 -4.40 4.98
C ASN A 294 15.87 -5.79 5.29
N LYS A 295 17.16 -5.86 5.64
CA LYS A 295 17.81 -7.12 5.96
C LYS A 295 17.19 -7.75 7.20
N ASP A 296 16.66 -6.91 8.09
CA ASP A 296 16.03 -7.39 9.31
C ASP A 296 14.66 -7.93 8.92
N LYS A 297 13.81 -7.06 8.40
CA LYS A 297 12.46 -7.43 7.94
C LYS A 297 12.21 -6.69 6.64
N PRO A 298 11.88 -7.42 5.56
CA PRO A 298 11.61 -6.86 4.23
C PRO A 298 10.66 -5.67 4.19
N LEU A 299 11.13 -4.58 3.57
CA LEU A 299 10.32 -3.37 3.42
C LEU A 299 9.50 -3.50 2.14
N GLY A 300 9.87 -4.46 1.30
CA GLY A 300 9.19 -4.64 0.03
C GLY A 300 9.90 -3.71 -0.93
N ALA A 301 9.16 -2.84 -1.61
CA ALA A 301 9.78 -1.89 -2.52
C ALA A 301 10.09 -0.64 -1.69
N VAL A 302 11.05 0.17 -2.13
CA VAL A 302 11.40 1.36 -1.38
C VAL A 302 11.31 2.65 -2.20
N ALA A 303 11.19 3.77 -1.51
CA ALA A 303 11.07 5.07 -2.15
C ALA A 303 12.37 5.62 -2.72
N LEU A 304 13.49 5.18 -2.15
CA LEU A 304 14.80 5.62 -2.61
C LEU A 304 15.18 4.93 -3.91
N LYS A 305 15.32 5.72 -4.97
CA LYS A 305 15.64 5.19 -6.29
C LYS A 305 16.86 4.28 -6.33
N SER A 306 17.97 4.74 -5.77
CA SER A 306 19.19 3.94 -5.79
C SER A 306 19.05 2.55 -5.18
N TYR A 307 18.47 2.47 -3.99
CA TYR A 307 18.32 1.17 -3.37
C TYR A 307 17.26 0.30 -4.04
N GLU A 308 16.18 0.93 -4.52
CA GLU A 308 15.12 0.18 -5.18
C GLU A 308 15.69 -0.50 -6.42
N GLU A 309 16.56 0.20 -7.13
CA GLU A 309 17.17 -0.33 -8.34
C GLU A 309 17.98 -1.58 -7.97
N GLU A 310 18.50 -1.63 -6.76
CA GLU A 310 19.26 -2.79 -6.31
C GLU A 310 18.30 -3.91 -5.92
N LEU A 311 17.27 -3.56 -5.16
CA LEU A 311 16.27 -4.54 -4.71
C LEU A 311 15.49 -5.13 -5.88
N ALA A 312 15.30 -4.34 -6.92
CA ALA A 312 14.56 -4.77 -8.09
C ALA A 312 15.13 -6.02 -8.77
N LYS A 313 16.30 -6.46 -8.32
CA LYS A 313 16.91 -7.67 -8.88
C LYS A 313 16.01 -8.85 -8.48
N ASP A 314 15.16 -8.61 -7.49
CA ASP A 314 14.19 -9.61 -7.03
C ASP A 314 12.96 -9.27 -7.85
N PRO A 315 12.55 -10.15 -8.77
CA PRO A 315 11.37 -9.88 -9.59
C PRO A 315 10.08 -9.59 -8.83
N ARG A 316 9.99 -10.09 -7.60
CA ARG A 316 8.79 -9.85 -6.80
C ARG A 316 8.71 -8.39 -6.38
N ILE A 317 9.87 -7.81 -6.06
CA ILE A 317 9.91 -6.41 -5.66
C ILE A 317 9.77 -5.51 -6.87
N ALA A 318 10.34 -5.93 -7.99
CA ALA A 318 10.26 -5.16 -9.23
C ALA A 318 8.79 -5.09 -9.65
N ALA A 319 8.08 -6.20 -9.53
CA ALA A 319 6.67 -6.25 -9.90
C ALA A 319 5.87 -5.38 -8.93
N THR A 320 6.26 -5.41 -7.65
CA THR A 320 5.58 -4.60 -6.64
C THR A 320 5.61 -3.11 -7.04
N MET A 321 6.78 -2.64 -7.45
CA MET A 321 6.94 -1.24 -7.86
C MET A 321 6.25 -0.94 -9.20
N GLU A 322 6.30 -1.89 -10.12
CA GLU A 322 5.67 -1.70 -11.43
C GLU A 322 4.17 -1.46 -11.24
N ASN A 323 3.55 -2.28 -10.39
CA ASN A 323 2.13 -2.14 -10.13
C ASN A 323 1.83 -0.86 -9.38
N ALA A 324 2.72 -0.49 -8.45
CA ALA A 324 2.52 0.72 -7.67
C ALA A 324 2.53 1.98 -8.54
N GLN A 325 3.47 2.05 -9.49
CA GLN A 325 3.56 3.22 -10.34
C GLN A 325 2.39 3.32 -11.32
N LYS A 326 1.73 2.19 -11.55
CA LYS A 326 0.56 2.16 -12.43
C LYS A 326 -0.67 2.37 -11.56
N GLY A 327 -0.47 2.35 -10.25
CA GLY A 327 -1.56 2.53 -9.31
C GLY A 327 -1.77 3.94 -8.83
N GLU A 328 -2.40 4.07 -7.68
CA GLU A 328 -2.70 5.38 -7.11
C GLU A 328 -2.43 5.41 -5.60
N ILE A 329 -1.74 6.45 -5.14
CA ILE A 329 -1.45 6.58 -3.72
C ILE A 329 -2.80 6.64 -3.00
N MET A 330 -2.92 5.99 -1.85
CA MET A 330 -4.18 6.06 -1.12
C MET A 330 -4.36 7.50 -0.64
N PRO A 331 -5.53 8.10 -0.94
CA PRO A 331 -5.74 9.48 -0.49
C PRO A 331 -5.70 9.60 1.04
N ASN A 332 -5.04 10.63 1.55
CA ASN A 332 -4.91 10.83 2.98
C ASN A 332 -5.96 11.78 3.58
N ILE A 333 -7.15 11.82 3.00
CA ILE A 333 -8.20 12.70 3.51
C ILE A 333 -9.24 11.90 4.30
N PRO A 334 -10.01 12.58 5.18
CA PRO A 334 -11.03 11.90 5.98
C PRO A 334 -12.06 11.16 5.15
N GLN A 335 -12.41 11.72 4.00
CA GLN A 335 -13.41 11.12 3.11
C GLN A 335 -13.02 9.75 2.58
N MET A 336 -11.72 9.44 2.57
CA MET A 336 -11.29 8.15 2.05
C MET A 336 -11.90 7.01 2.85
N SER A 337 -12.22 7.28 4.11
CA SER A 337 -12.86 6.30 4.97
C SER A 337 -14.25 6.01 4.44
N ALA A 338 -15.00 7.07 4.13
CA ALA A 338 -16.35 6.91 3.58
C ALA A 338 -16.28 6.10 2.29
N PHE A 339 -15.21 6.33 1.51
CA PHE A 339 -15.01 5.60 0.25
C PHE A 339 -14.89 4.10 0.50
N TRP A 340 -14.00 3.73 1.41
CA TRP A 340 -13.78 2.32 1.74
C TRP A 340 -15.06 1.60 2.14
N TYR A 341 -15.77 2.14 3.13
CA TYR A 341 -17.00 1.53 3.61
C TYR A 341 -18.09 1.43 2.56
N ALA A 342 -18.30 2.50 1.80
CA ALA A 342 -19.33 2.53 0.77
C ALA A 342 -19.02 1.54 -0.35
N VAL A 343 -17.78 1.54 -0.82
CA VAL A 343 -17.37 0.63 -1.89
C VAL A 343 -17.33 -0.81 -1.38
N ARG A 344 -16.97 -1.00 -0.11
CA ARG A 344 -16.94 -2.35 0.43
C ARG A 344 -18.34 -2.92 0.30
N THR A 345 -19.34 -2.10 0.64
CA THR A 345 -20.73 -2.53 0.58
C THR A 345 -21.21 -2.72 -0.85
N ALA A 346 -20.77 -1.86 -1.76
CA ALA A 346 -21.17 -1.97 -3.16
C ALA A 346 -20.69 -3.28 -3.80
N VAL A 347 -19.41 -3.59 -3.63
CA VAL A 347 -18.85 -4.79 -4.21
C VAL A 347 -19.49 -6.05 -3.64
N ILE A 348 -19.66 -6.08 -2.32
CA ILE A 348 -20.29 -7.23 -1.67
C ILE A 348 -21.70 -7.45 -2.21
N ASN A 349 -22.49 -6.39 -2.24
CA ASN A 349 -23.87 -6.47 -2.73
C ASN A 349 -23.97 -6.84 -4.20
N ALA A 350 -23.10 -6.29 -5.02
CA ALA A 350 -23.11 -6.59 -6.45
C ALA A 350 -22.74 -8.04 -6.71
N ALA A 351 -21.81 -8.56 -5.91
CA ALA A 351 -21.34 -9.94 -6.04
C ALA A 351 -22.35 -10.98 -5.59
N SER A 352 -23.14 -10.64 -4.57
CA SER A 352 -24.14 -11.57 -4.04
C SER A 352 -25.46 -11.52 -4.80
N GLY A 353 -25.65 -10.48 -5.60
CA GLY A 353 -26.89 -10.33 -6.34
C GLY A 353 -27.86 -9.47 -5.57
N ARG A 354 -27.42 -9.04 -4.39
CA ARG A 354 -28.22 -8.20 -3.51
C ARG A 354 -28.58 -6.92 -4.27
N GLN A 355 -27.59 -6.40 -5.00
CA GLN A 355 -27.78 -5.19 -5.80
C GLN A 355 -27.23 -5.40 -7.21
N THR A 356 -27.74 -4.65 -8.18
CA THR A 356 -27.23 -4.73 -9.54
C THR A 356 -25.99 -3.85 -9.51
N VAL A 357 -25.10 -4.00 -10.49
CA VAL A 357 -23.89 -3.20 -10.55
C VAL A 357 -24.21 -1.70 -10.56
N ASP A 358 -25.19 -1.31 -11.37
CA ASP A 358 -25.59 0.08 -11.50
C ASP A 358 -26.06 0.71 -10.19
N GLU A 359 -26.94 0.02 -9.47
CA GLU A 359 -27.46 0.55 -8.21
C GLU A 359 -26.42 0.53 -7.10
N ALA A 360 -25.59 -0.51 -7.09
CA ALA A 360 -24.53 -0.63 -6.09
C ALA A 360 -23.59 0.56 -6.15
N LEU A 361 -23.12 0.86 -7.36
CA LEU A 361 -22.20 1.97 -7.57
C LEU A 361 -22.86 3.32 -7.35
N LYS A 362 -24.09 3.47 -7.82
CA LYS A 362 -24.81 4.72 -7.65
C LYS A 362 -24.97 5.02 -6.17
N ASP A 363 -25.32 4.01 -5.39
CA ASP A 363 -25.50 4.19 -3.94
C ASP A 363 -24.18 4.55 -3.25
N ALA A 364 -23.10 3.88 -3.65
CA ALA A 364 -21.79 4.16 -3.07
C ALA A 364 -21.39 5.59 -3.37
N GLN A 365 -21.50 5.99 -4.63
CA GLN A 365 -21.18 7.34 -5.09
C GLN A 365 -21.94 8.40 -4.29
N THR A 366 -23.25 8.21 -4.19
CA THR A 366 -24.12 9.14 -3.49
C THR A 366 -23.76 9.34 -2.02
N ARG A 367 -23.25 8.30 -1.37
CA ARG A 367 -22.87 8.43 0.03
C ARG A 367 -21.48 9.06 0.18
N ILE A 368 -20.56 8.70 -0.72
CA ILE A 368 -19.20 9.22 -0.68
C ILE A 368 -19.12 10.72 -0.97
N THR A 369 -20.04 11.24 -1.78
CA THR A 369 -20.02 12.65 -2.10
C THR A 369 -20.84 13.50 -1.13
N LYS A 370 -21.39 12.86 -0.10
CA LYS A 370 -22.18 13.57 0.90
C LYS A 370 -21.30 14.55 1.67
#